data_5CTI
#
_entry.id   5CTI
#
_cell.length_a   27.777
_cell.length_b   55.912
_cell.length_c   61.660
_cell.angle_alpha   90.000
_cell.angle_beta   92.350
_cell.angle_gamma   90.000
#
_symmetry.space_group_name_H-M   'P 1 21 1'
#
loop_
_entity.id
_entity.type
_entity.pdbx_description
1 polymer 'Collagen alpha-1(I) chain,Collagen alpha-1(IX) chain'
2 polymer 'Collagen alpha-2(I) chain,Collagen alpha-2(IX) chain'
3 polymer 'Collagen alpha-1(I) chain,Collagen alpha-3(IX) chain'
4 non-polymer GLYCEROL
5 water water
#
loop_
_entity_poly.entity_id
_entity_poly.type
_entity_poly.pdbx_seq_one_letter_code
_entity_poly.pdbx_strand_id
1 'polypeptide(L)' GSGPPGPPGPPGPPGARGQAGVMGFPGPPGPPGPPGRAPTDQHIKQVCMRVIQEHFAEMAASLKRPDSGAT A
2 'polypeptide(L)' GSGPPGPPGPPGPPGARGEPGNIGFPGPPGPPGPPGRDATDQHIVDVALKMLQEQLAEVAVSAKREALGAV B
3 'polypeptide(L)' GSGPPGPPGPPGPPGARGQAGVMGFPGPPGPPGPPGKEASEQRIRELCGGMISEQIAQLAAHLRKPLAPGSI C
#
loop_
_chem_comp.id
_chem_comp.type
_chem_comp.name
_chem_comp.formula
GOL non-polymer GLYCEROL 'C3 H8 O3'
#
# COMPACT_ATOMS: atom_id res chain seq x y z
N SER A 2 -56.22 60.71 -23.67
CA SER A 2 -57.20 59.64 -23.61
C SER A 2 -56.77 58.34 -24.28
N GLY A 3 -57.04 57.24 -23.60
CA GLY A 3 -57.15 55.94 -24.24
C GLY A 3 -56.68 54.85 -23.32
N PRO A 4 -57.01 53.60 -23.67
CA PRO A 4 -56.56 52.47 -22.83
C PRO A 4 -55.05 52.30 -22.83
N PRO A 5 -54.50 51.73 -21.75
CA PRO A 5 -53.06 51.49 -21.80
C PRO A 5 -52.74 50.51 -22.91
N GLY A 6 -51.49 50.53 -23.36
CA GLY A 6 -51.05 49.58 -24.35
C GLY A 6 -51.02 48.15 -23.84
N PRO A 7 -50.68 47.22 -24.74
CA PRO A 7 -50.48 45.83 -24.32
C PRO A 7 -49.27 45.65 -23.41
N PRO A 8 -49.21 44.52 -22.68
CA PRO A 8 -48.12 44.29 -21.73
C PRO A 8 -46.82 44.12 -22.48
N GLY A 9 -45.73 44.49 -21.85
CA GLY A 9 -44.45 44.34 -22.50
C GLY A 9 -44.09 42.87 -22.51
N PRO A 10 -43.02 42.51 -23.22
CA PRO A 10 -42.54 41.12 -23.21
C PRO A 10 -41.87 40.73 -21.88
N PRO A 11 -41.71 39.42 -21.64
CA PRO A 11 -41.03 39.05 -20.40
C PRO A 11 -39.60 39.58 -20.40
N GLY A 12 -39.01 39.71 -19.22
CA GLY A 12 -37.66 40.22 -19.14
C GLY A 12 -36.67 39.17 -19.60
N PRO A 13 -35.40 39.55 -19.66
CA PRO A 13 -34.33 38.64 -20.05
C PRO A 13 -34.02 37.63 -18.95
N PRO A 14 -33.44 36.49 -19.32
CA PRO A 14 -33.10 35.53 -18.27
C PRO A 14 -32.06 36.11 -17.34
N GLY A 15 -32.11 35.68 -16.09
CA GLY A 15 -31.13 36.12 -15.12
C GLY A 15 -29.72 35.69 -15.48
N ALA A 16 -28.76 36.20 -14.74
CA ALA A 16 -27.35 35.86 -14.94
C ALA A 16 -27.09 34.43 -14.50
N ARG A 17 -26.14 33.83 -15.15
CA ARG A 17 -25.78 32.47 -14.84
C ARG A 17 -25.09 32.38 -13.50
N GLY A 18 -25.33 31.29 -12.77
CA GLY A 18 -24.75 31.15 -11.44
C GLY A 18 -23.26 30.89 -11.51
N GLN A 19 -22.57 30.99 -10.36
CA GLN A 19 -21.12 30.74 -10.30
C GLN A 19 -20.86 29.25 -10.44
N ALA A 20 -19.66 28.90 -10.90
CA ALA A 20 -19.27 27.50 -11.04
C ALA A 20 -19.32 26.80 -9.70
N GLY A 21 -19.54 25.51 -9.76
CA GLY A 21 -19.57 24.72 -8.54
C GLY A 21 -18.18 24.39 -8.05
N VAL A 22 -18.13 23.98 -6.80
CA VAL A 22 -16.85 23.66 -6.21
C VAL A 22 -16.33 22.30 -6.68
N MET A 23 -15.02 22.22 -6.82
CA MET A 23 -14.37 20.95 -7.15
C MET A 23 -14.63 19.91 -6.07
N GLY A 24 -14.67 18.63 -6.47
CA GLY A 24 -14.89 17.56 -5.53
C GLY A 24 -13.69 17.40 -4.60
N PHE A 25 -13.90 16.79 -3.44
CA PHE A 25 -12.77 16.47 -2.57
C PHE A 25 -11.81 15.50 -3.27
N PRO A 26 -10.53 15.58 -2.93
CA PRO A 26 -9.61 14.60 -3.53
C PRO A 26 -9.85 13.22 -2.98
N GLY A 27 -9.40 12.22 -3.72
CA GLY A 27 -9.63 10.84 -3.34
C GLY A 27 -8.74 10.44 -2.17
N PRO A 28 -9.07 9.34 -1.49
CA PRO A 28 -8.21 8.86 -0.39
C PRO A 28 -6.92 8.27 -0.89
N PRO A 29 -5.92 8.15 -0.01
CA PRO A 29 -4.71 7.45 -0.46
C PRO A 29 -5.01 5.99 -0.83
N GLY A 30 -4.25 5.46 -1.77
CA GLY A 30 -4.40 4.07 -2.15
C GLY A 30 -4.08 3.16 -0.96
N PRO A 31 -4.39 1.88 -1.12
CA PRO A 31 -4.08 0.95 -0.03
C PRO A 31 -2.58 0.74 0.11
N PRO A 32 -2.09 0.38 1.30
CA PRO A 32 -0.69 -0.07 1.39
C PRO A 32 -0.43 -1.22 0.42
N GLY A 33 0.83 -1.39 0.04
CA GLY A 33 1.17 -2.44 -0.90
C GLY A 33 1.11 -3.83 -0.28
N PRO A 34 1.33 -4.85 -1.10
CA PRO A 34 1.36 -6.22 -0.58
C PRO A 34 2.59 -6.43 0.32
N PRO A 35 2.47 -7.30 1.33
CA PRO A 35 3.63 -7.56 2.20
C PRO A 35 4.80 -8.15 1.42
N GLY A 36 5.99 -7.91 1.93
CA GLY A 36 7.17 -8.52 1.34
C GLY A 36 7.10 -10.01 1.61
N ARG A 37 7.91 -10.78 0.91
CA ARG A 37 7.89 -12.23 1.05
C ARG A 37 8.66 -12.69 2.27
N ALA A 38 8.09 -13.68 2.97
CA ALA A 38 8.72 -14.39 4.06
C ALA A 38 9.39 -15.68 3.55
N PRO A 39 10.42 -16.14 4.25
CA PRO A 39 11.08 -17.38 3.86
C PRO A 39 10.14 -18.57 3.94
N THR A 40 10.12 -19.38 2.89
CA THR A 40 9.51 -20.71 2.93
C THR A 40 10.42 -21.67 3.67
N ASP A 41 9.89 -22.81 4.13
CA ASP A 41 10.75 -23.86 4.70
C ASP A 41 11.86 -24.28 3.72
N GLN A 42 11.55 -24.42 2.44
CA GLN A 42 12.56 -24.84 1.50
C GLN A 42 13.64 -23.76 1.40
N HIS A 43 13.25 -22.48 1.46
CA HIS A 43 14.27 -21.44 1.36
C HIS A 43 15.19 -21.44 2.60
N ILE A 44 14.60 -21.63 3.77
CA ILE A 44 15.40 -21.74 5.00
C ILE A 44 16.45 -22.84 4.87
N LYS A 45 16.01 -24.03 4.44
CA LYS A 45 16.91 -25.15 4.28
C LYS A 45 18.03 -24.84 3.32
N GLN A 46 17.69 -24.19 2.22
CA GLN A 46 18.70 -23.88 1.23
C GLN A 46 19.78 -22.90 1.73
N VAL A 47 19.39 -21.88 2.48
CA VAL A 47 20.37 -21.01 3.11
C VAL A 47 21.27 -21.76 4.09
N CYS A 48 20.71 -22.66 4.89
CA CYS A 48 21.51 -23.41 5.84
C CYS A 48 22.51 -24.27 5.09
N MET A 49 22.07 -24.83 3.98
CA MET A 49 22.93 -25.69 3.18
C MET A 49 24.13 -24.89 2.64
N ARG A 50 23.84 -23.70 2.15
CA ARG A 50 24.87 -22.81 1.65
CA ARG A 50 24.87 -22.80 1.65
C ARG A 50 25.88 -22.46 2.74
N VAL A 51 25.38 -22.06 3.90
CA VAL A 51 26.23 -21.73 5.03
C VAL A 51 27.14 -22.91 5.40
N ILE A 52 26.57 -24.11 5.51
CA ILE A 52 27.36 -25.29 5.87
C ILE A 52 28.47 -25.50 4.83
N GLN A 53 28.08 -25.47 3.57
CA GLN A 53 29.03 -25.74 2.48
C GLN A 53 30.15 -24.70 2.41
N GLU A 54 29.86 -23.47 2.80
CA GLU A 54 30.86 -22.41 2.83
C GLU A 54 31.72 -22.44 4.09
N HIS A 55 31.42 -23.35 5.01
CA HIS A 55 32.16 -23.46 6.26
C HIS A 55 32.80 -24.77 6.56
N PHE A 56 33.07 -25.58 5.53
CA PHE A 56 33.70 -26.87 5.79
C PHE A 56 35.06 -26.72 6.42
N ALA A 57 35.80 -25.72 6.00
CA ALA A 57 37.13 -25.53 6.54
C ALA A 57 37.03 -25.23 8.04
N GLU A 58 36.10 -24.35 8.44
CA GLU A 58 35.86 -24.07 9.85
C GLU A 58 35.42 -25.30 10.66
N MET A 59 34.51 -26.09 10.10
CA MET A 59 34.06 -27.33 10.72
C MET A 59 35.22 -28.29 10.92
N ALA A 60 36.06 -28.42 9.91
CA ALA A 60 37.18 -29.36 10.00
C ALA A 60 38.14 -28.94 11.12
N ALA A 61 38.29 -27.62 11.32
CA ALA A 61 39.22 -27.12 12.35
C ALA A 61 38.77 -27.55 13.72
N SER A 62 37.47 -27.49 13.96
CA SER A 62 36.92 -27.84 15.25
C SER A 62 36.81 -29.37 15.43
N LEU A 63 36.80 -30.13 14.34
CA LEU A 63 36.68 -31.58 14.44
C LEU A 63 38.01 -32.25 14.77
N LYS A 64 39.11 -31.53 14.53
CA LYS A 64 40.40 -32.01 14.98
C LYS A 64 40.61 -31.67 16.46
N ARG A 65 39.87 -30.69 16.98
CA ARG A 65 40.17 -30.12 18.30
C ARG A 65 40.28 -31.13 19.47
N PRO A 66 39.45 -32.19 19.50
CA PRO A 66 39.64 -33.16 20.60
C PRO A 66 41.06 -33.73 20.72
N ASP A 67 41.92 -33.50 19.73
CA ASP A 67 43.35 -33.75 19.86
C ASP A 67 44.09 -32.49 20.33
N GLY B 1 -63.43 62.28 -26.84
CA GLY B 1 -63.41 60.84 -26.43
C GLY B 1 -62.04 60.17 -26.61
N SER B 2 -62.03 58.85 -26.71
CA SER B 2 -60.80 58.07 -26.66
C SER B 2 -59.81 58.29 -27.82
N GLY B 3 -58.55 58.54 -27.49
CA GLY B 3 -57.47 58.29 -28.43
C GLY B 3 -57.18 56.79 -28.41
N PRO B 4 -56.22 56.35 -29.23
CA PRO B 4 -55.90 54.92 -29.34
C PRO B 4 -55.23 54.34 -28.11
N PRO B 5 -55.24 53.01 -28.01
CA PRO B 5 -54.42 52.36 -27.00
C PRO B 5 -52.97 52.82 -27.07
N GLY B 6 -52.32 52.86 -25.92
CA GLY B 6 -50.92 53.20 -25.87
C GLY B 6 -50.04 52.15 -26.51
N PRO B 7 -48.72 52.44 -26.57
CA PRO B 7 -47.77 51.46 -27.07
C PRO B 7 -47.56 50.35 -26.05
N PRO B 8 -46.96 49.22 -26.48
CA PRO B 8 -46.66 48.10 -25.59
C PRO B 8 -45.77 48.55 -24.44
N GLY B 9 -45.88 47.89 -23.28
CA GLY B 9 -45.09 48.28 -22.15
C GLY B 9 -43.65 47.82 -22.36
N PRO B 10 -42.76 48.20 -21.44
CA PRO B 10 -41.36 47.81 -21.46
C PRO B 10 -41.17 46.35 -21.10
N PRO B 11 -40.00 45.79 -21.41
CA PRO B 11 -39.73 44.42 -20.99
C PRO B 11 -39.75 44.33 -19.48
N GLY B 12 -40.14 43.18 -18.96
CA GLY B 12 -40.07 42.97 -17.54
C GLY B 12 -38.61 42.95 -17.10
N PRO B 13 -38.40 42.93 -15.80
CA PRO B 13 -37.05 42.93 -15.26
C PRO B 13 -36.34 41.61 -15.53
N PRO B 14 -35.01 41.59 -15.40
CA PRO B 14 -34.27 40.33 -15.59
C PRO B 14 -34.65 39.31 -14.55
N GLY B 15 -34.58 38.02 -14.88
CA GLY B 15 -34.87 36.98 -13.92
C GLY B 15 -33.81 36.94 -12.83
N ALA B 16 -34.03 36.14 -11.80
CA ALA B 16 -33.08 36.02 -10.71
C ALA B 16 -31.80 35.34 -11.21
N ARG B 17 -30.69 35.63 -10.55
CA ARG B 17 -29.43 35.02 -10.89
C ARG B 17 -29.56 33.52 -10.66
N GLY B 18 -28.89 32.74 -11.50
CA GLY B 18 -28.92 31.30 -11.35
C GLY B 18 -28.17 30.87 -10.09
N GLU B 19 -28.43 29.64 -9.67
CA GLU B 19 -27.78 29.04 -8.52
C GLU B 19 -26.37 28.61 -8.86
N PRO B 20 -25.50 28.48 -7.85
CA PRO B 20 -24.16 27.98 -8.12
C PRO B 20 -24.21 26.56 -8.67
N GLY B 21 -23.18 26.19 -9.41
CA GLY B 21 -23.12 24.88 -10.02
C GLY B 21 -23.11 23.77 -8.98
N ASN B 22 -23.54 22.59 -9.42
CA ASN B 22 -23.56 21.42 -8.55
C ASN B 22 -22.15 21.06 -8.08
N ILE B 23 -22.09 20.38 -6.94
CA ILE B 23 -20.84 19.95 -6.32
C ILE B 23 -20.12 18.89 -7.13
N GLY B 24 -18.81 19.02 -7.21
CA GLY B 24 -17.99 18.06 -7.93
C GLY B 24 -17.99 16.75 -7.18
N PHE B 25 -17.87 15.65 -7.92
CA PHE B 25 -17.69 14.31 -7.34
C PHE B 25 -16.31 14.10 -6.73
N PRO B 26 -16.21 13.22 -5.74
CA PRO B 26 -14.91 12.92 -5.13
C PRO B 26 -13.97 12.23 -6.11
N GLY B 27 -12.68 12.49 -5.93
CA GLY B 27 -11.66 11.93 -6.75
C GLY B 27 -11.48 10.45 -6.47
N PRO B 28 -10.79 9.76 -7.36
CA PRO B 28 -10.56 8.33 -7.17
C PRO B 28 -9.48 8.09 -6.11
N PRO B 29 -9.45 6.92 -5.50
CA PRO B 29 -8.30 6.63 -4.63
C PRO B 29 -7.02 6.56 -5.41
N GLY B 30 -5.89 6.69 -4.75
CA GLY B 30 -4.65 6.53 -5.46
C GLY B 30 -4.42 5.04 -5.63
N PRO B 31 -3.41 4.66 -6.43
CA PRO B 31 -3.03 3.26 -6.60
C PRO B 31 -2.47 2.63 -5.33
N PRO B 32 -2.44 1.28 -5.25
CA PRO B 32 -1.79 0.68 -4.09
C PRO B 32 -0.32 1.04 -4.06
N GLY B 33 0.27 1.04 -2.87
CA GLY B 33 1.69 1.29 -2.77
C GLY B 33 2.49 0.17 -3.41
N PRO B 34 3.81 0.32 -3.43
CA PRO B 34 4.70 -0.74 -3.92
C PRO B 34 4.79 -1.89 -2.91
N PRO B 35 5.24 -3.07 -3.35
CA PRO B 35 5.32 -4.20 -2.43
C PRO B 35 6.33 -3.93 -1.32
N GLY B 36 6.06 -4.41 -0.10
CA GLY B 36 7.02 -4.33 0.98
C GLY B 36 8.29 -5.10 0.64
N ARG B 37 9.36 -4.81 1.38
CA ARG B 37 10.64 -5.47 1.10
CA ARG B 37 10.64 -5.47 1.10
C ARG B 37 10.63 -6.89 1.65
N ASP B 38 11.18 -7.81 0.87
CA ASP B 38 11.22 -9.23 1.25
C ASP B 38 12.15 -9.43 2.46
N ALA B 39 11.90 -10.45 3.27
CA ALA B 39 12.80 -10.73 4.37
C ALA B 39 14.14 -11.13 3.75
N THR B 40 15.25 -10.66 4.30
CA THR B 40 16.55 -11.02 3.73
C THR B 40 17.03 -12.32 4.35
N ASP B 41 18.12 -12.88 3.80
CA ASP B 41 18.62 -14.18 4.28
C ASP B 41 19.38 -14.08 5.61
N GLN B 42 19.74 -12.87 5.99
CA GLN B 42 20.68 -12.67 7.10
C GLN B 42 20.26 -13.37 8.39
N HIS B 43 18.98 -13.24 8.75
CA HIS B 43 18.51 -13.85 10.01
C HIS B 43 18.70 -15.36 9.98
N ILE B 44 18.55 -15.97 8.82
CA ILE B 44 18.73 -17.42 8.68
C ILE B 44 20.22 -17.76 8.78
N VAL B 45 21.04 -16.97 8.09
CA VAL B 45 22.48 -17.18 8.10
C VAL B 45 22.94 -17.10 9.53
N ASP B 46 22.52 -16.07 10.23
CA ASP B 46 22.96 -15.87 11.61
C ASP B 46 22.65 -17.08 12.51
N VAL B 47 21.45 -17.61 12.39
CA VAL B 47 21.06 -18.72 13.26
C VAL B 47 21.82 -19.96 12.84
N ALA B 48 21.97 -20.19 11.53
CA ALA B 48 22.75 -21.33 11.08
C ALA B 48 24.17 -21.32 11.62
N LEU B 49 24.81 -20.16 11.61
CA LEU B 49 26.20 -20.10 12.10
C LEU B 49 26.28 -20.35 13.61
N LYS B 50 25.30 -19.82 14.35
CA LYS B 50 25.22 -20.10 15.78
C LYS B 50 25.07 -21.60 16.05
N MET B 51 24.20 -22.26 15.27
CA MET B 51 23.97 -23.71 15.39
C MET B 51 25.25 -24.48 15.09
N LEU B 52 25.94 -24.06 14.05
CA LEU B 52 27.20 -24.71 13.73
C LEU B 52 28.22 -24.55 14.85
N GLN B 53 28.32 -23.35 15.39
CA GLN B 53 29.25 -23.09 16.50
C GLN B 53 28.91 -23.93 17.70
N GLU B 54 27.63 -24.00 18.01
CA GLU B 54 27.14 -24.81 19.13
C GLU B 54 27.46 -26.27 18.92
N GLN B 55 27.12 -26.81 17.76
CA GLN B 55 27.31 -28.23 17.54
C GLN B 55 28.81 -28.60 17.49
N LEU B 56 29.64 -27.74 16.91
CA LEU B 56 31.07 -27.99 16.89
C LEU B 56 31.67 -27.97 18.29
N ALA B 57 31.23 -27.04 19.13
CA ALA B 57 31.71 -26.96 20.49
C ALA B 57 31.31 -28.23 21.23
N GLU B 58 30.11 -28.71 20.97
CA GLU B 58 29.60 -29.87 21.66
C GLU B 58 30.43 -31.12 21.31
N VAL B 59 31.12 -31.09 20.16
CA VAL B 59 31.96 -32.23 19.78
C VAL B 59 33.09 -32.36 20.76
N ALA B 60 33.68 -31.22 21.13
CA ALA B 60 34.80 -31.24 22.04
C ALA B 60 34.33 -31.64 23.44
N VAL B 61 33.18 -31.11 23.85
CA VAL B 61 32.64 -31.45 25.18
C VAL B 61 32.38 -32.94 25.28
N SER B 62 31.74 -33.51 24.27
CA SER B 62 31.45 -34.95 24.22
C SER B 62 32.71 -35.82 24.28
N ALA B 63 33.74 -35.42 23.56
CA ALA B 63 35.00 -36.16 23.54
C ALA B 63 35.63 -36.15 24.94
N LYS B 64 35.65 -34.98 25.55
CA LYS B 64 36.21 -34.83 26.89
C LYS B 64 35.39 -35.64 27.88
N ARG B 65 34.06 -35.54 27.82
CA ARG B 65 33.25 -36.23 28.85
C ARG B 65 33.25 -37.75 28.64
N GLU B 66 33.41 -38.20 27.38
CA GLU B 66 33.58 -39.62 27.09
C GLU B 66 34.76 -40.20 27.84
N ALA B 67 35.87 -39.47 27.82
CA ALA B 67 37.10 -39.94 28.47
C ALA B 67 36.90 -40.02 29.99
N LEU B 68 36.11 -39.09 30.53
CA LEU B 68 35.84 -39.02 31.96
C LEU B 68 34.74 -40.00 32.43
N GLY B 69 33.95 -40.52 31.48
CA GLY B 69 32.76 -41.28 31.82
C GLY B 69 31.71 -40.45 32.56
N ALA B 70 31.47 -39.24 32.05
CA ALA B 70 30.55 -38.30 32.66
C ALA B 70 29.78 -37.59 31.56
N VAL B 71 28.98 -38.36 30.83
CA VAL B 71 28.29 -37.87 29.65
C VAL B 71 26.87 -37.42 29.94
N SER C 2 -53.52 59.77 -26.84
CA SER C 2 -53.35 58.32 -26.75
C SER C 2 -53.32 57.83 -25.30
N GLY C 3 -53.43 56.51 -25.12
CA GLY C 3 -53.36 55.91 -23.81
C GLY C 3 -51.91 55.78 -23.39
N PRO C 4 -51.69 55.43 -22.11
CA PRO C 4 -50.32 55.29 -21.63
C PRO C 4 -49.72 53.99 -22.11
N PRO C 5 -48.40 53.83 -21.97
CA PRO C 5 -47.78 52.55 -22.30
C PRO C 5 -48.44 51.47 -21.50
N GLY C 6 -48.35 50.25 -21.99
CA GLY C 6 -48.94 49.13 -21.29
C GLY C 6 -48.07 48.81 -20.09
N PRO C 7 -48.48 47.81 -19.30
CA PRO C 7 -47.67 47.43 -18.14
C PRO C 7 -46.40 46.68 -18.57
N PRO C 8 -45.37 46.71 -17.72
CA PRO C 8 -44.17 45.93 -18.04
C PRO C 8 -44.49 44.45 -18.19
N GLY C 9 -43.67 43.74 -18.95
CA GLY C 9 -43.85 42.31 -19.03
C GLY C 9 -43.47 41.68 -17.70
N PRO C 10 -43.70 40.37 -17.57
CA PRO C 10 -43.32 39.67 -16.36
C PRO C 10 -41.80 39.55 -16.29
N PRO C 11 -41.25 39.16 -15.13
CA PRO C 11 -39.80 38.96 -15.06
C PRO C 11 -39.32 37.83 -15.98
N GLY C 12 -38.06 37.92 -16.39
CA GLY C 12 -37.47 36.87 -17.19
C GLY C 12 -37.26 35.65 -16.32
N PRO C 13 -36.98 34.52 -16.95
CA PRO C 13 -36.78 33.29 -16.17
C PRO C 13 -35.49 33.38 -15.35
N PRO C 14 -35.35 32.58 -14.28
CA PRO C 14 -34.09 32.52 -13.52
C PRO C 14 -32.93 32.17 -14.44
N GLY C 15 -31.75 32.71 -14.15
CA GLY C 15 -30.56 32.37 -14.91
C GLY C 15 -30.22 30.90 -14.73
N ALA C 16 -29.43 30.36 -15.64
CA ALA C 16 -29.09 28.95 -15.61
C ALA C 16 -28.20 28.66 -14.42
N ARG C 17 -28.30 27.46 -13.90
CA ARG C 17 -27.36 27.03 -12.88
C ARG C 17 -25.89 27.15 -13.37
N GLY C 18 -24.97 27.43 -12.46
CA GLY C 18 -23.56 27.49 -12.82
C GLY C 18 -23.02 26.18 -13.34
N GLN C 19 -21.87 26.25 -14.00
CA GLN C 19 -21.13 25.07 -14.44
C GLN C 19 -20.88 24.12 -13.25
N ALA C 20 -21.13 22.84 -13.46
CA ALA C 20 -20.85 21.82 -12.41
C ALA C 20 -19.40 21.80 -11.98
N GLY C 21 -19.20 21.58 -10.68
CA GLY C 21 -17.86 21.41 -10.14
C GLY C 21 -17.20 20.22 -10.81
N VAL C 22 -15.89 20.30 -11.02
CA VAL C 22 -15.16 19.18 -11.58
C VAL C 22 -14.81 18.16 -10.50
N MET C 23 -14.50 16.97 -10.96
CA MET C 23 -14.17 15.87 -10.06
C MET C 23 -12.85 16.11 -9.31
N GLY C 24 -12.80 15.66 -8.07
CA GLY C 24 -11.62 15.84 -7.26
C GLY C 24 -10.40 15.16 -7.86
N PHE C 25 -9.24 15.65 -7.44
CA PHE C 25 -8.00 14.97 -7.74
C PHE C 25 -7.96 13.53 -7.24
N PRO C 26 -7.24 12.65 -7.93
CA PRO C 26 -6.92 11.32 -7.39
C PRO C 26 -6.16 11.45 -6.08
N GLY C 27 -6.35 10.50 -5.18
CA GLY C 27 -5.51 10.43 -4.01
C GLY C 27 -4.11 9.95 -4.38
N PRO C 28 -3.19 10.05 -3.43
CA PRO C 28 -1.80 9.62 -3.54
C PRO C 28 -1.69 8.10 -3.54
N PRO C 29 -0.58 7.53 -4.07
CA PRO C 29 -0.34 6.09 -3.90
C PRO C 29 -0.33 5.72 -2.44
N GLY C 30 -0.71 4.49 -2.14
CA GLY C 30 -0.64 4.03 -0.78
C GLY C 30 0.83 3.84 -0.42
N PRO C 31 1.08 3.54 0.85
CA PRO C 31 2.47 3.36 1.28
C PRO C 31 2.97 1.95 0.92
N PRO C 32 4.28 1.70 1.08
CA PRO C 32 4.78 0.33 0.83
C PRO C 32 4.16 -0.66 1.80
N GLY C 33 3.95 -1.89 1.33
CA GLY C 33 3.46 -2.95 2.19
C GLY C 33 4.47 -3.19 3.30
N PRO C 34 4.08 -3.90 4.36
CA PRO C 34 5.01 -4.18 5.45
C PRO C 34 6.11 -5.14 5.01
N PRO C 35 7.23 -5.19 5.74
CA PRO C 35 8.34 -6.08 5.32
C PRO C 35 7.94 -7.52 5.46
N GLY C 36 8.52 -8.42 4.69
CA GLY C 36 8.32 -9.83 4.93
C GLY C 36 8.70 -10.18 6.35
N LYS C 37 7.95 -11.08 6.96
CA LYS C 37 8.23 -11.55 8.31
C LYS C 37 9.42 -12.53 8.28
N GLU C 38 10.37 -12.32 9.16
CA GLU C 38 11.50 -13.22 9.27
C GLU C 38 11.06 -14.53 9.89
N ALA C 39 11.69 -15.61 9.45
CA ALA C 39 11.52 -16.90 10.09
C ALA C 39 11.98 -16.82 11.54
N SER C 40 11.28 -17.54 12.42
CA SER C 40 11.72 -17.62 13.81
C SER C 40 13.02 -18.42 13.93
N GLU C 41 13.80 -18.11 14.95
CA GLU C 41 14.99 -18.91 15.25
C GLU C 41 14.62 -20.37 15.53
N GLN C 42 13.50 -20.58 16.22
CA GLN C 42 13.05 -21.94 16.49
C GLN C 42 12.81 -22.75 15.21
N ARG C 43 12.17 -22.14 14.22
CA ARG C 43 11.84 -22.88 13.01
C ARG C 43 13.12 -23.14 12.24
N ILE C 44 14.06 -22.19 12.28
CA ILE C 44 15.34 -22.42 11.62
C ILE C 44 16.06 -23.61 12.31
N ARG C 45 16.04 -23.66 13.64
CA ARG C 45 16.69 -24.77 14.33
C ARG C 45 16.07 -26.12 13.97
N GLU C 46 14.75 -26.11 13.82
CA GLU C 46 14.02 -27.30 13.44
C GLU C 46 14.43 -27.78 12.07
N LEU C 47 14.49 -26.88 11.10
CA LEU C 47 14.75 -27.27 9.73
C LEU C 47 16.22 -27.59 9.49
N CYS C 48 17.13 -26.95 10.21
CA CYS C 48 18.55 -27.09 9.92
C CYS C 48 19.40 -27.88 10.90
N GLY C 49 18.89 -28.17 12.08
CA GLY C 49 19.66 -28.93 13.07
C GLY C 49 20.21 -30.26 12.55
N GLY C 50 19.34 -31.02 11.90
CA GLY C 50 19.69 -32.33 11.42
C GLY C 50 20.76 -32.31 10.35
N MET C 51 20.64 -31.40 9.38
CA MET C 51 21.59 -31.37 8.28
C MET C 51 22.97 -30.95 8.82
N ILE C 52 23.00 -30.06 9.81
CA ILE C 52 24.28 -29.66 10.41
C ILE C 52 24.90 -30.88 11.07
N SER C 53 24.11 -31.60 11.85
CA SER C 53 24.61 -32.81 12.49
C SER C 53 25.17 -33.84 11.47
N GLU C 54 24.45 -34.05 10.38
CA GLU C 54 24.82 -35.07 9.42
C GLU C 54 26.09 -34.65 8.70
N GLN C 55 26.20 -33.37 8.36
CA GLN C 55 27.39 -32.96 7.62
C GLN C 55 28.61 -32.96 8.54
N ILE C 56 28.39 -32.67 9.81
CA ILE C 56 29.48 -32.69 10.78
C ILE C 56 30.00 -34.12 10.90
N ALA C 57 29.10 -35.09 10.94
CA ALA C 57 29.50 -36.48 11.09
C ALA C 57 30.21 -36.99 9.84
N GLN C 58 29.73 -36.56 8.69
CA GLN C 58 30.30 -36.97 7.43
C GLN C 58 31.72 -36.44 7.30
N LEU C 59 31.94 -35.17 7.70
CA LEU C 59 33.26 -34.57 7.66
C LEU C 59 34.20 -35.21 8.67
N ALA C 60 33.68 -35.56 9.84
CA ALA C 60 34.49 -36.22 10.86
C ALA C 60 35.04 -37.54 10.29
N ALA C 61 34.22 -38.26 9.52
CA ALA C 61 34.67 -39.52 8.90
C ALA C 61 35.71 -39.24 7.82
N HIS C 62 35.50 -38.19 7.05
CA HIS C 62 36.44 -37.75 6.03
C HIS C 62 37.82 -37.53 6.65
N LEU C 63 37.81 -36.95 7.84
CA LEU C 63 39.05 -36.57 8.50
C LEU C 63 39.59 -37.71 9.34
N ARG C 64 38.87 -38.82 9.35
CA ARG C 64 39.25 -40.00 10.13
C ARG C 64 39.31 -39.66 11.61
N LYS C 65 38.37 -38.84 12.02
CA LYS C 65 38.09 -38.57 13.42
C LYS C 65 36.60 -38.82 13.70
N PRO C 66 36.11 -40.06 13.47
CA PRO C 66 34.65 -40.18 13.63
C PRO C 66 34.15 -39.98 15.06
N LEU C 67 32.89 -39.52 15.14
CA LEU C 67 32.29 -39.04 16.37
C LEU C 67 31.70 -40.14 17.23
N ALA C 68 31.09 -39.75 18.34
CA ALA C 68 30.17 -40.66 19.04
C ALA C 68 29.06 -41.08 18.07
N PRO C 69 28.62 -42.34 18.15
CA PRO C 69 27.58 -42.83 17.24
C PRO C 69 26.32 -41.94 17.30
N GLY C 70 25.66 -41.75 16.16
CA GLY C 70 24.46 -40.95 16.09
C GLY C 70 23.24 -41.75 16.52
N SER C 71 22.08 -41.10 16.52
CA SER C 71 20.83 -41.74 16.90
C SER C 71 20.28 -42.42 15.66
N ILE C 72 19.67 -43.60 15.85
CA ILE C 72 19.46 -44.59 14.80
C ILE C 72 18.67 -44.17 13.55
C1 GOL D . 28.27 -17.34 14.65
O1 GOL D . 29.65 -17.14 14.38
C2 GOL D . 27.49 -16.25 15.38
O2 GOL D . 28.18 -15.00 15.45
C3 GOL D . 26.17 -16.19 14.54
O3 GOL D . 25.13 -15.39 15.04
H11 GOL D . 27.78 -17.53 13.69
H12 GOL D . 28.18 -18.26 15.22
HO1 GOL D . 30.02 -17.94 13.97
H2 GOL D . 27.25 -16.61 16.38
HO2 GOL D . 28.43 -14.70 14.55
H31 GOL D . 26.42 -15.84 13.53
H32 GOL D . 25.79 -17.21 14.43
HO3 GOL D . 24.27 -15.74 14.74
C1 GOL E . 22.94 -34.49 4.71
O1 GOL E . 22.26 -33.89 5.78
C2 GOL E . 23.59 -35.81 5.12
O2 GOL E . 22.62 -36.74 5.53
C3 GOL E . 24.42 -36.43 4.01
O3 GOL E . 25.05 -37.60 4.47
H11 GOL E . 22.24 -34.69 3.89
H12 GOL E . 23.70 -33.81 4.34
HO1 GOL E . 21.90 -33.02 5.49
H2 GOL E . 24.26 -35.61 5.96
HO2 GOL E . 22.05 -36.98 4.77
H31 GOL E . 23.78 -36.67 3.17
H32 GOL E . 25.17 -35.71 3.68
HO3 GOL E . 25.70 -37.91 3.80
C1 GOL F . 32.61 -35.39 2.38
O1 GOL F . 32.70 -34.74 1.10
C2 GOL F . 32.48 -34.44 3.59
O2 GOL F . 33.43 -33.42 3.38
C3 GOL F . 31.05 -33.89 3.80
O3 GOL F . 30.78 -33.12 4.98
H11 GOL F . 31.75 -36.06 2.37
H12 GOL F . 33.50 -36.01 2.53
HO1 GOL F . 32.86 -35.41 0.40
H2 GOL F . 32.74 -35.01 4.49
HO2 GOL F . 33.19 -32.90 2.61
H31 GOL F . 30.81 -33.26 2.94
H32 GOL F . 30.36 -34.73 3.78
HO3 GOL F . 31.52 -32.50 5.15
#